data_7KH8
#
_entry.id   7KH8
#
_cell.length_a   54.971
_cell.length_b   58.960
_cell.length_c   95.088
_cell.angle_alpha   90.000
_cell.angle_beta   90.000
_cell.angle_gamma   90.000
#
_symmetry.space_group_name_H-M   'P 21 21 21'
#
loop_
_entity.id
_entity.type
_entity.pdbx_description
1 polymer 'Low molecular weight phosphotyrosine protein phosphatase'
2 non-polymer 3-[(2,6-dichlorophenyl)methyl]-8-(2-methylphenyl)-3H-purin-6-amine
3 non-polymer 'NITRATE ION'
4 water water
#
_entity_poly.entity_id   1
_entity_poly.type   'polypeptide(L)'
_entity_poly.pdbx_seq_one_letter_code
;GHGATKSVLFVCLGNICRSPIAEAVFRKLVTDQNISENWRVDSAATSGYEIGNPPDYRGQSCMKRHGIPMSHVARQITKE
DFATFDYILCMDESNLRDLNRKSNQVKTCKAKIELLGSYDPQKQLIIEDPYYGNDSDFETVYQQCVRCCRAFLEKAH
;
_entity_poly.pdbx_strand_id   A,B
#
# COMPACT_ATOMS: atom_id res chain seq x y z
N GLY A 3 -34.51 14.64 -8.53
CA GLY A 3 -33.66 13.95 -7.54
C GLY A 3 -32.67 13.00 -8.19
N ALA A 4 -31.47 12.93 -7.64
CA ALA A 4 -30.44 12.03 -8.17
C ALA A 4 -30.90 10.58 -8.03
N THR A 5 -30.56 9.75 -9.01
CA THR A 5 -30.81 8.30 -8.92
C THR A 5 -29.52 7.46 -8.96
N LYS A 6 -28.38 8.07 -9.26
CA LYS A 6 -27.08 7.38 -9.41
C LYS A 6 -26.06 8.09 -8.54
N SER A 7 -25.13 7.37 -7.97
CA SER A 7 -24.14 8.01 -7.08
C SER A 7 -22.79 7.31 -7.14
N VAL A 8 -21.74 8.12 -7.09
CA VAL A 8 -20.35 7.61 -7.08
C VAL A 8 -19.52 8.47 -6.13
N LEU A 9 -18.73 7.77 -5.31
CA LEU A 9 -17.74 8.37 -4.39
C LEU A 9 -16.36 7.88 -4.84
N PHE A 10 -15.49 8.81 -5.19
CA PHE A 10 -14.10 8.49 -5.52
C PHE A 10 -13.29 8.61 -4.24
N VAL A 11 -12.42 7.63 -4.00
CA VAL A 11 -11.68 7.59 -2.71
C VAL A 11 -10.19 7.36 -2.94
N CYS A 12 -9.39 8.11 -2.19
CA CYS A 12 -7.93 7.89 -2.11
C CYS A 12 -7.50 8.03 -0.65
N LEU A 13 -6.21 7.99 -0.38
CA LEU A 13 -5.73 8.04 1.02
C LEU A 13 -6.05 9.40 1.64
N GLY A 14 -5.65 10.48 0.98
CA GLY A 14 -5.72 11.81 1.58
C GLY A 14 -6.86 12.69 1.09
N ASN A 15 -7.45 12.36 -0.05
CA ASN A 15 -8.45 13.21 -0.73
C ASN A 15 -7.87 14.60 -1.01
N ILE A 16 -6.60 14.63 -1.43
CA ILE A 16 -5.96 15.88 -1.91
C ILE A 16 -5.34 15.70 -3.29
N CYS A 17 -4.97 14.49 -3.70
CA CYS A 17 -4.25 14.33 -4.99
C CYS A 17 -5.18 13.63 -5.99
N ARG A 18 -5.47 12.36 -5.79
CA ARG A 18 -6.10 11.52 -6.83
C ARG A 18 -7.62 11.67 -6.88
N SER A 19 -8.30 11.45 -5.77
CA SER A 19 -9.76 11.41 -5.82
C SER A 19 -10.39 12.77 -6.15
N PRO A 20 -9.85 13.94 -5.78
CA PRO A 20 -10.47 15.19 -6.22
C PRO A 20 -10.43 15.34 -7.75
N ILE A 21 -9.35 14.86 -8.35
CA ILE A 21 -9.20 14.86 -9.83
C ILE A 21 -10.25 13.96 -10.44
N ALA A 22 -10.40 12.73 -9.94
CA ALA A 22 -11.40 11.81 -10.50
C ALA A 22 -12.80 12.42 -10.39
N GLU A 23 -13.13 12.98 -9.24
CA GLU A 23 -14.44 13.60 -9.04
C GLU A 23 -14.66 14.72 -10.05
N ALA A 24 -13.67 15.59 -10.21
CA ALA A 24 -13.79 16.76 -11.10
C ALA A 24 -13.97 16.30 -12.55
N VAL A 25 -13.19 15.32 -12.98
CA VAL A 25 -13.30 14.76 -14.35
C VAL A 25 -14.71 14.22 -14.54
N PHE A 26 -15.21 13.44 -13.60
CA PHE A 26 -16.53 12.80 -13.72
C PHE A 26 -17.62 13.88 -13.73
N ARG A 27 -17.51 14.86 -12.83
CA ARG A 27 -18.53 15.93 -12.80
C ARG A 27 -18.58 16.66 -14.14
N LYS A 28 -17.43 16.94 -14.74
CA LYS A 28 -17.46 17.63 -16.04
C LYS A 28 -18.18 16.78 -17.08
N LEU A 29 -17.96 15.47 -17.10
CA LEU A 29 -18.68 14.61 -18.08
C LEU A 29 -20.19 14.78 -17.87
N VAL A 30 -20.68 14.57 -16.67
CA VAL A 30 -22.16 14.53 -16.50
C VAL A 30 -22.74 15.94 -16.66
N THR A 31 -22.00 16.98 -16.30
CA THR A 31 -22.49 18.38 -16.44
C THR A 31 -22.59 18.72 -17.92
N ASP A 32 -21.56 18.40 -18.69
CA ASP A 32 -21.55 18.73 -20.13
C ASP A 32 -22.66 17.92 -20.83
N GLN A 33 -22.99 16.72 -20.38
CA GLN A 33 -24.03 15.84 -20.97
C GLN A 33 -25.43 16.16 -20.39
N ASN A 34 -25.55 17.19 -19.56
CA ASN A 34 -26.85 17.67 -18.99
C ASN A 34 -27.54 16.48 -18.30
N ILE A 35 -26.76 15.65 -17.58
CA ILE A 35 -27.30 14.54 -16.74
C ILE A 35 -26.79 14.68 -15.31
N SER A 36 -26.24 15.83 -14.95
CA SER A 36 -25.68 16.03 -13.60
C SER A 36 -26.79 15.96 -12.54
N GLU A 37 -28.01 16.35 -12.84
CA GLU A 37 -29.13 16.28 -11.86
C GLU A 37 -29.44 14.83 -11.51
N ASN A 38 -29.05 13.88 -12.37
CA ASN A 38 -29.28 12.43 -12.10
CA ASN A 38 -29.28 12.44 -12.10
C ASN A 38 -28.22 11.85 -11.17
N TRP A 39 -27.13 12.58 -10.91
CA TRP A 39 -25.95 12.02 -10.23
C TRP A 39 -25.65 12.75 -8.93
N ARG A 40 -25.20 11.98 -7.96
CA ARG A 40 -24.43 12.47 -6.80
C ARG A 40 -22.97 12.07 -7.03
N VAL A 41 -22.08 13.05 -7.07
CA VAL A 41 -20.65 12.85 -7.36
C VAL A 41 -19.89 13.44 -6.18
N ASP A 42 -18.95 12.69 -5.63
CA ASP A 42 -18.18 13.24 -4.50
C ASP A 42 -16.83 12.53 -4.42
N SER A 43 -15.97 13.01 -3.54
CA SER A 43 -14.73 12.30 -3.21
C SER A 43 -14.46 12.40 -1.72
N ALA A 44 -13.72 11.43 -1.22
CA ALA A 44 -13.41 11.39 0.22
C ALA A 44 -12.11 10.58 0.41
N ALA A 45 -11.57 10.70 1.61
CA ALA A 45 -10.31 10.06 2.03
C ALA A 45 -10.59 8.86 2.93
N THR A 46 -9.67 7.91 2.91
CA THR A 46 -9.67 6.87 3.96
C THR A 46 -9.15 7.47 5.26
N SER A 47 -8.22 8.42 5.19
CA SER A 47 -7.59 9.06 6.37
C SER A 47 -8.25 10.39 6.74
N GLY A 48 -8.14 10.79 8.00
CA GLY A 48 -8.56 12.14 8.44
C GLY A 48 -7.45 13.16 8.35
N TYR A 49 -6.25 12.77 7.92
CA TYR A 49 -5.04 13.62 8.02
C TYR A 49 -5.24 14.99 7.36
N GLU A 50 -5.85 15.03 6.18
CA GLU A 50 -5.93 16.27 5.37
C GLU A 50 -7.29 16.97 5.50
N ILE A 51 -8.15 16.56 6.43
CA ILE A 51 -9.53 17.12 6.51
C ILE A 51 -9.43 18.66 6.47
N GLY A 52 -10.24 19.26 5.59
CA GLY A 52 -10.34 20.72 5.46
C GLY A 52 -9.45 21.29 4.38
N ASN A 53 -8.47 20.53 3.88
CA ASN A 53 -7.47 21.08 2.94
C ASN A 53 -7.98 21.02 1.52
N PRO A 54 -7.58 22.00 0.69
CA PRO A 54 -7.91 21.96 -0.72
C PRO A 54 -7.03 20.97 -1.45
N PRO A 55 -7.33 20.69 -2.72
CA PRO A 55 -6.50 19.78 -3.49
C PRO A 55 -5.08 20.34 -3.60
N ASP A 56 -4.16 19.39 -3.67
CA ASP A 56 -2.73 19.65 -3.88
C ASP A 56 -2.55 20.63 -5.05
N TYR A 57 -1.66 21.63 -4.94
CA TYR A 57 -1.50 22.61 -6.05
CA TYR A 57 -1.36 22.62 -6.01
C TYR A 57 -1.01 21.92 -7.33
N ARG A 58 -0.29 20.81 -7.26
CA ARG A 58 0.07 20.10 -8.51
C ARG A 58 -1.21 19.61 -9.20
N GLY A 59 -2.16 19.12 -8.43
CA GLY A 59 -3.44 18.69 -9.02
C GLY A 59 -4.25 19.86 -9.53
N GLN A 60 -4.25 20.96 -8.78
CA GLN A 60 -4.96 22.18 -9.23
C GLN A 60 -4.35 22.66 -10.54
N SER A 61 -3.02 22.66 -10.64
CA SER A 61 -2.33 23.13 -11.86
C SER A 61 -2.70 22.24 -13.06
N CYS A 62 -2.70 20.94 -12.85
CA CYS A 62 -3.02 19.95 -13.87
C CYS A 62 -4.47 20.19 -14.37
N MET A 63 -5.42 20.38 -13.47
CA MET A 63 -6.83 20.58 -13.87
C MET A 63 -6.98 21.92 -14.59
N LYS A 64 -6.28 22.96 -14.15
CA LYS A 64 -6.32 24.27 -14.86
C LYS A 64 -5.84 24.09 -16.30
N ARG A 65 -4.72 23.40 -16.51
CA ARG A 65 -4.14 23.19 -17.87
C ARG A 65 -5.18 22.50 -18.76
N HIS A 66 -5.95 21.56 -18.20
CA HIS A 66 -6.88 20.74 -18.99
C HIS A 66 -8.29 21.33 -19.03
N GLY A 67 -8.53 22.50 -18.45
CA GLY A 67 -9.85 23.14 -18.54
C GLY A 67 -10.92 22.42 -17.75
N ILE A 68 -10.55 21.82 -16.63
CA ILE A 68 -11.51 21.05 -15.79
C ILE A 68 -11.69 21.86 -14.52
N PRO A 69 -12.92 22.32 -14.21
CA PRO A 69 -13.16 23.00 -12.95
C PRO A 69 -12.98 22.02 -11.77
N MET A 70 -12.37 22.50 -10.69
CA MET A 70 -12.20 21.67 -9.47
C MET A 70 -12.31 22.59 -8.26
N SER A 71 -13.20 22.24 -7.32
CA SER A 71 -13.39 22.98 -6.05
C SER A 71 -13.73 21.92 -5.01
N HIS A 72 -12.85 21.70 -4.04
CA HIS A 72 -13.05 20.63 -3.06
C HIS A 72 -12.38 20.99 -1.75
N VAL A 73 -12.98 20.50 -0.67
CA VAL A 73 -12.41 20.48 0.70
C VAL A 73 -12.27 19.03 1.13
N ALA A 74 -11.08 18.59 1.55
CA ALA A 74 -10.87 17.17 1.87
C ALA A 74 -11.81 16.79 3.02
N ARG A 75 -12.35 15.58 2.93
CA ARG A 75 -13.23 15.01 3.97
CA ARG A 75 -13.26 15.01 3.93
C ARG A 75 -12.96 13.51 4.05
N GLN A 76 -13.11 12.94 5.23
CA GLN A 76 -12.91 11.50 5.44
C GLN A 76 -14.24 10.78 5.20
N ILE A 77 -14.17 9.63 4.55
CA ILE A 77 -15.35 8.77 4.35
C ILE A 77 -16.00 8.47 5.70
N THR A 78 -17.33 8.38 5.69
CA THR A 78 -18.16 8.15 6.89
C THR A 78 -18.93 6.83 6.74
N LYS A 79 -19.52 6.36 7.84
CA LYS A 79 -20.40 5.17 7.85
C LYS A 79 -21.55 5.43 6.87
N GLU A 80 -22.10 6.64 6.85
CA GLU A 80 -23.28 7.01 6.00
C GLU A 80 -22.94 6.79 4.52
N ASP A 81 -21.70 7.04 4.14
CA ASP A 81 -21.30 6.95 2.72
C ASP A 81 -21.46 5.50 2.22
N PHE A 82 -21.14 4.50 3.03
CA PHE A 82 -21.29 3.08 2.62
C PHE A 82 -22.77 2.77 2.43
N ALA A 83 -23.65 3.41 3.20
CA ALA A 83 -25.10 3.18 3.14
C ALA A 83 -25.76 3.87 1.94
N THR A 84 -25.17 4.95 1.44
CA THR A 84 -25.89 5.82 0.48
C THR A 84 -25.33 5.75 -0.95
N PHE A 85 -24.04 5.51 -1.14
CA PHE A 85 -23.46 5.50 -2.51
C PHE A 85 -23.69 4.17 -3.20
N ASP A 86 -23.93 4.23 -4.52
CA ASP A 86 -24.03 3.02 -5.39
C ASP A 86 -22.63 2.44 -5.59
N TYR A 87 -21.67 3.30 -5.84
CA TYR A 87 -20.28 2.90 -6.18
C TYR A 87 -19.30 3.71 -5.36
N ILE A 88 -18.30 3.02 -4.85
CA ILE A 88 -17.10 3.62 -4.23
C ILE A 88 -15.92 3.13 -5.06
N LEU A 89 -15.28 4.06 -5.74
CA LEU A 89 -14.22 3.73 -6.71
C LEU A 89 -12.91 4.28 -6.14
N CYS A 90 -11.95 3.41 -5.87
CA CYS A 90 -10.73 3.82 -5.17
C CYS A 90 -9.50 3.61 -6.06
N MET A 91 -8.36 4.05 -5.57
CA MET A 91 -7.20 4.21 -6.45
C MET A 91 -6.23 3.03 -6.40
N ASP A 92 -5.97 2.46 -5.23
CA ASP A 92 -4.94 1.41 -5.13
C ASP A 92 -5.36 0.31 -4.17
N GLU A 93 -4.51 -0.70 -4.05
CA GLU A 93 -4.87 -1.94 -3.34
C GLU A 93 -5.03 -1.64 -1.85
N SER A 94 -4.22 -0.74 -1.29
CA SER A 94 -4.32 -0.37 0.14
CA SER A 94 -4.30 -0.33 0.14
C SER A 94 -5.66 0.34 0.38
N ASN A 95 -6.07 1.21 -0.52
CA ASN A 95 -7.38 1.89 -0.39
C ASN A 95 -8.48 0.82 -0.37
N LEU A 96 -8.41 -0.15 -1.27
CA LEU A 96 -9.46 -1.17 -1.40
C LEU A 96 -9.51 -1.99 -0.10
N ARG A 97 -8.37 -2.39 0.44
CA ARG A 97 -8.36 -3.15 1.70
C ARG A 97 -8.99 -2.32 2.83
N ASP A 98 -8.63 -1.05 2.93
CA ASP A 98 -9.13 -0.16 4.00
C ASP A 98 -10.65 -0.01 3.86
N LEU A 99 -11.15 0.23 2.65
CA LEU A 99 -12.60 0.40 2.43
C LEU A 99 -13.35 -0.91 2.72
N ASN A 100 -12.80 -2.04 2.28
CA ASN A 100 -13.50 -3.33 2.53
C ASN A 100 -13.54 -3.59 4.04
N ARG A 101 -12.46 -3.29 4.75
CA ARG A 101 -12.41 -3.53 6.21
C ARG A 101 -13.47 -2.63 6.88
N LYS A 102 -13.52 -1.34 6.56
CA LYS A 102 -14.51 -0.41 7.17
C LYS A 102 -15.92 -0.90 6.79
N SER A 103 -16.15 -1.32 5.55
CA SER A 103 -17.49 -1.72 5.06
C SER A 103 -18.00 -2.92 5.86
N ASN A 104 -17.09 -3.78 6.31
CA ASN A 104 -17.47 -4.99 7.08
C ASN A 104 -17.87 -4.61 8.51
N GLN A 105 -17.63 -3.37 8.94
CA GLN A 105 -17.87 -2.95 10.36
C GLN A 105 -19.01 -1.94 10.47
N VAL A 106 -19.75 -1.68 9.39
CA VAL A 106 -20.91 -0.72 9.38
C VAL A 106 -22.22 -1.50 9.21
N LYS A 107 -23.33 -0.82 9.49
CA LYS A 107 -24.71 -1.40 9.51
C LYS A 107 -25.16 -1.75 8.09
N THR A 108 -24.91 -0.86 7.12
CA THR A 108 -25.41 -1.03 5.73
C THR A 108 -24.28 -0.73 4.77
N CYS A 109 -23.96 -1.67 3.88
CA CYS A 109 -23.08 -1.38 2.73
C CYS A 109 -23.85 -1.56 1.42
N LYS A 110 -24.47 -0.48 0.95
CA LYS A 110 -25.15 -0.45 -0.36
C LYS A 110 -24.08 -0.47 -1.46
N ALA A 111 -22.96 0.19 -1.22
CA ALA A 111 -21.95 0.45 -2.27
C ALA A 111 -21.28 -0.81 -2.77
N LYS A 112 -21.07 -0.83 -4.07
CA LYS A 112 -20.05 -1.69 -4.73
C LYS A 112 -18.71 -0.96 -4.65
N ILE A 113 -17.70 -1.64 -4.10
CA ILE A 113 -16.38 -1.03 -3.85
C ILE A 113 -15.41 -1.68 -4.83
N GLU A 114 -14.76 -0.86 -5.66
CA GLU A 114 -13.94 -1.37 -6.77
C GLU A 114 -12.78 -0.41 -7.00
N LEU A 115 -11.70 -0.91 -7.60
CA LEU A 115 -10.64 -0.02 -8.12
C LEU A 115 -11.19 0.76 -9.31
N LEU A 116 -11.00 2.07 -9.32
CA LEU A 116 -11.33 2.89 -10.51
C LEU A 116 -10.61 2.36 -11.75
N GLY A 117 -9.35 1.96 -11.59
CA GLY A 117 -8.53 1.49 -12.73
C GLY A 117 -9.06 0.21 -13.35
N SER A 118 -9.97 -0.51 -12.69
CA SER A 118 -10.59 -1.70 -13.29
C SER A 118 -11.40 -1.30 -14.54
N TYR A 119 -11.72 -0.03 -14.71
CA TYR A 119 -12.47 0.49 -15.88
C TYR A 119 -11.54 0.91 -17.01
N ASP A 120 -10.22 0.85 -16.84
CA ASP A 120 -9.31 1.43 -17.85
C ASP A 120 -9.23 0.53 -19.08
N PRO A 121 -9.62 0.97 -20.28
CA PRO A 121 -9.40 0.15 -21.47
C PRO A 121 -7.91 -0.09 -21.74
N GLN A 122 -7.02 0.77 -21.23
CA GLN A 122 -5.55 0.63 -21.43
CA GLN A 122 -5.55 0.65 -21.40
C GLN A 122 -4.93 -0.19 -20.29
N LYS A 123 -5.74 -0.72 -19.37
CA LYS A 123 -5.31 -1.76 -18.38
C LYS A 123 -4.18 -1.26 -17.48
N GLN A 124 -4.18 0.02 -17.09
CA GLN A 124 -3.25 0.54 -16.05
C GLN A 124 -4.00 0.50 -14.73
N LEU A 125 -3.99 -0.65 -14.06
CA LEU A 125 -4.97 -0.97 -13.01
C LEU A 125 -4.88 -0.01 -11.81
N ILE A 126 -3.67 0.31 -11.39
CA ILE A 126 -3.43 1.08 -10.15
C ILE A 126 -3.19 2.54 -10.51
N ILE A 127 -3.89 3.42 -9.81
CA ILE A 127 -3.67 4.89 -9.89
C ILE A 127 -2.80 5.25 -8.70
N GLU A 128 -1.53 5.40 -8.98
CA GLU A 128 -0.46 5.39 -7.94
C GLU A 128 -0.44 6.74 -7.22
N ASP A 129 -0.16 6.70 -5.93
CA ASP A 129 -0.12 7.89 -5.05
C ASP A 129 0.96 8.85 -5.54
N PRO A 130 0.62 10.06 -6.02
CA PRO A 130 1.63 11.00 -6.52
C PRO A 130 2.11 12.03 -5.50
N TYR A 131 1.93 11.74 -4.20
CA TYR A 131 2.30 12.70 -3.14
C TYR A 131 3.73 13.23 -3.30
N TYR A 132 4.67 12.36 -3.63
CA TYR A 132 6.10 12.77 -3.77
C TYR A 132 6.45 12.95 -5.26
N GLY A 133 5.45 12.95 -6.13
CA GLY A 133 5.65 12.90 -7.58
C GLY A 133 5.80 14.25 -8.26
N ASN A 134 6.10 14.18 -9.55
CA ASN A 134 6.27 15.38 -10.37
C ASN A 134 5.02 15.67 -11.20
N ASP A 135 5.08 16.72 -12.01
CA ASP A 135 3.92 17.12 -12.83
C ASP A 135 3.57 15.99 -13.81
N SER A 136 4.54 15.26 -14.33
CA SER A 136 4.26 14.11 -15.25
CA SER A 136 4.28 14.11 -15.24
CA SER A 136 4.29 14.11 -15.24
C SER A 136 3.46 13.04 -14.51
N ASP A 137 3.73 12.83 -13.24
CA ASP A 137 3.01 11.80 -12.46
C ASP A 137 1.55 12.24 -12.27
N PHE A 138 1.30 13.52 -12.04
CA PHE A 138 -0.08 14.07 -11.96
C PHE A 138 -0.76 13.94 -13.31
N GLU A 139 -0.03 14.18 -14.40
CA GLU A 139 -0.59 14.03 -15.76
C GLU A 139 -0.99 12.58 -16.00
N THR A 140 -0.18 11.62 -15.57
CA THR A 140 -0.53 10.19 -15.70
C THR A 140 -1.84 9.92 -14.94
N VAL A 141 -1.93 10.37 -13.71
CA VAL A 141 -3.16 10.19 -12.88
C VAL A 141 -4.37 10.81 -13.63
N TYR A 142 -4.24 12.04 -14.10
CA TYR A 142 -5.34 12.68 -14.83
C TYR A 142 -5.80 11.81 -15.99
N GLN A 143 -4.85 11.35 -16.79
CA GLN A 143 -5.21 10.58 -18.00
C GLN A 143 -5.89 9.28 -17.58
N GLN A 144 -5.41 8.61 -16.53
CA GLN A 144 -6.07 7.39 -16.02
C GLN A 144 -7.52 7.75 -15.65
N CYS A 145 -7.71 8.84 -14.93
CA CYS A 145 -9.06 9.26 -14.54
C CYS A 145 -9.93 9.54 -15.76
N VAL A 146 -9.42 10.21 -16.77
CA VAL A 146 -10.20 10.46 -18.00
C VAL A 146 -10.71 9.13 -18.56
N ARG A 147 -9.82 8.17 -18.75
CA ARG A 147 -10.20 6.91 -19.42
C ARG A 147 -11.17 6.13 -18.53
N CYS A 148 -10.87 6.06 -17.25
CA CYS A 148 -11.69 5.22 -16.33
C CYS A 148 -13.07 5.84 -16.10
N CYS A 149 -13.13 7.15 -15.89
CA CYS A 149 -14.42 7.82 -15.65
C CYS A 149 -15.31 7.72 -16.88
N ARG A 150 -14.74 7.87 -18.08
CA ARG A 150 -15.55 7.72 -19.32
C ARG A 150 -16.15 6.31 -19.36
N ALA A 151 -15.33 5.28 -19.10
CA ALA A 151 -15.78 3.88 -19.20
C ALA A 151 -16.83 3.58 -18.13
N PHE A 152 -16.61 4.05 -16.90
CA PHE A 152 -17.59 3.86 -15.81
C PHE A 152 -18.92 4.51 -16.15
N LEU A 153 -18.92 5.74 -16.66
CA LEU A 153 -20.18 6.43 -17.01
C LEU A 153 -20.90 5.65 -18.12
N GLU A 154 -20.16 5.12 -19.09
CA GLU A 154 -20.75 4.33 -20.21
C GLU A 154 -21.46 3.09 -19.64
N LYS A 155 -20.80 2.35 -18.75
CA LYS A 155 -21.37 1.09 -18.21
C LYS A 155 -20.63 0.69 -16.94
N ALA A 156 -21.34 0.63 -15.82
CA ALA A 156 -20.80 0.20 -14.51
C ALA A 156 -20.68 -1.32 -14.50
N HIS A 157 -19.69 -1.83 -13.78
CA HIS A 157 -19.55 -3.28 -13.50
C HIS A 157 -20.72 -3.72 -12.60
N GLY B 1 37.66 -20.04 6.68
CA GLY B 1 36.60 -19.23 7.37
C GLY B 1 35.20 -19.81 7.20
N HIS B 2 34.19 -19.19 7.80
CA HIS B 2 32.78 -19.66 7.74
C HIS B 2 31.87 -18.50 7.29
N GLY B 3 32.15 -17.95 6.11
CA GLY B 3 31.49 -16.78 5.53
C GLY B 3 30.10 -17.13 5.04
N ALA B 4 29.22 -16.13 4.99
CA ALA B 4 27.86 -16.33 4.46
C ALA B 4 27.91 -16.47 2.94
N THR B 5 27.05 -17.34 2.39
CA THR B 5 26.95 -17.57 0.92
C THR B 5 25.51 -17.36 0.42
N LYS B 6 24.53 -17.30 1.31
CA LYS B 6 23.12 -17.04 0.96
C LYS B 6 22.67 -15.74 1.64
N SER B 7 21.70 -15.04 1.06
CA SER B 7 21.27 -13.76 1.64
C SER B 7 19.80 -13.46 1.37
N VAL B 8 19.19 -12.79 2.33
CA VAL B 8 17.80 -12.32 2.20
C VAL B 8 17.64 -10.99 2.95
N LEU B 9 16.99 -10.05 2.28
CA LEU B 9 16.61 -8.75 2.84
C LEU B 9 15.08 -8.68 2.88
N PHE B 10 14.52 -8.49 4.07
CA PHE B 10 13.06 -8.26 4.21
C PHE B 10 12.81 -6.78 4.20
N VAL B 11 11.79 -6.35 3.47
CA VAL B 11 11.49 -4.91 3.29
C VAL B 11 10.03 -4.60 3.56
N CYS B 12 9.84 -3.50 4.28
CA CYS B 12 8.50 -2.90 4.45
C CYS B 12 8.65 -1.37 4.32
N LEU B 13 7.57 -0.66 4.57
CA LEU B 13 7.58 0.81 4.38
C LEU B 13 8.55 1.49 5.36
N GLY B 14 8.42 1.19 6.64
CA GLY B 14 9.13 1.92 7.69
C GLY B 14 10.32 1.16 8.29
N ASN B 15 10.34 -0.16 8.16
CA ASN B 15 11.33 -1.03 8.85
C ASN B 15 11.21 -0.86 10.37
N ILE B 16 9.98 -0.72 10.87
CA ILE B 16 9.70 -0.71 12.31
C ILE B 16 8.65 -1.73 12.73
N CYS B 17 7.81 -2.22 11.83
CA CYS B 17 6.73 -3.18 12.22
C CYS B 17 6.97 -4.55 11.56
N ARG B 18 6.78 -4.64 10.27
CA ARG B 18 6.73 -5.96 9.59
C ARG B 18 8.11 -6.55 9.32
N SER B 19 8.98 -5.82 8.63
CA SER B 19 10.26 -6.45 8.21
C SER B 19 11.17 -6.80 9.37
N PRO B 20 11.21 -6.07 10.52
CA PRO B 20 12.03 -6.55 11.64
C PRO B 20 11.54 -7.89 12.18
N ILE B 21 10.22 -8.07 12.19
CA ILE B 21 9.64 -9.38 12.60
C ILE B 21 10.10 -10.47 11.63
N ALA B 22 9.99 -10.24 10.33
CA ALA B 22 10.37 -11.26 9.35
C ALA B 22 11.84 -11.62 9.50
N GLU B 23 12.68 -10.59 9.65
CA GLU B 23 14.13 -10.81 9.86
C GLU B 23 14.36 -11.70 11.09
N ALA B 24 13.74 -11.36 12.22
CA ALA B 24 13.94 -12.11 13.47
C ALA B 24 13.41 -13.54 13.34
N VAL B 25 12.27 -13.73 12.69
CA VAL B 25 11.72 -15.09 12.46
C VAL B 25 12.71 -15.91 11.63
N PHE B 26 13.20 -15.34 10.53
CA PHE B 26 14.10 -16.09 9.64
C PHE B 26 15.41 -16.40 10.38
N ARG B 27 15.97 -15.43 11.07
CA ARG B 27 17.22 -15.66 11.83
C ARG B 27 17.02 -16.81 12.81
N LYS B 28 15.88 -16.88 13.50
CA LYS B 28 15.62 -17.98 14.46
C LYS B 28 15.64 -19.32 13.72
N LEU B 29 15.03 -19.40 12.55
CA LEU B 29 14.98 -20.66 11.75
C LEU B 29 16.40 -21.10 11.43
N VAL B 30 17.21 -20.21 10.87
CA VAL B 30 18.56 -20.66 10.43
C VAL B 30 19.45 -20.91 11.65
N THR B 31 19.21 -20.23 12.78
CA THR B 31 20.01 -20.49 14.01
C THR B 31 19.59 -21.84 14.59
N ASP B 32 18.29 -22.14 14.63
CA ASP B 32 17.73 -23.43 15.11
C ASP B 32 18.34 -24.57 14.29
N GLN B 33 18.56 -24.34 13.00
CA GLN B 33 19.06 -25.37 12.04
C GLN B 33 20.60 -25.38 11.96
N ASN B 34 21.28 -24.56 12.77
CA ASN B 34 22.77 -24.54 12.87
CA ASN B 34 22.77 -24.54 12.87
C ASN B 34 23.37 -24.16 11.51
N ILE B 35 22.72 -23.28 10.76
CA ILE B 35 23.22 -22.84 9.42
C ILE B 35 23.28 -21.31 9.37
N SER B 36 23.18 -20.62 10.50
CA SER B 36 23.17 -19.14 10.52
C SER B 36 24.47 -18.57 9.90
N GLU B 37 25.60 -19.25 10.07
CA GLU B 37 26.89 -18.75 9.52
C GLU B 37 26.84 -18.75 7.98
N ASN B 38 25.93 -19.48 7.37
CA ASN B 38 25.81 -19.56 5.88
CA ASN B 38 25.85 -19.54 5.88
C ASN B 38 24.97 -18.39 5.35
N TRP B 39 24.30 -17.64 6.23
CA TRP B 39 23.27 -16.66 5.82
C TRP B 39 23.64 -15.24 6.23
N ARG B 40 23.29 -14.31 5.35
CA ARG B 40 23.16 -12.89 5.68
C ARG B 40 21.66 -12.58 5.70
N VAL B 41 21.19 -12.13 6.86
CA VAL B 41 19.75 -11.85 7.08
C VAL B 41 19.65 -10.39 7.51
N ASP B 42 18.77 -9.62 6.89
CA ASP B 42 18.66 -8.19 7.25
C ASP B 42 17.23 -7.73 6.94
N SER B 43 16.93 -6.51 7.35
CA SER B 43 15.68 -5.84 6.98
C SER B 43 15.98 -4.36 6.70
N ALA B 44 15.14 -3.77 5.88
CA ALA B 44 15.26 -2.36 5.51
C ALA B 44 13.91 -1.79 5.10
N ALA B 45 13.86 -0.47 5.02
CA ALA B 45 12.66 0.30 4.68
C ALA B 45 12.74 0.81 3.25
N THR B 46 11.59 1.00 2.63
CA THR B 46 11.55 1.81 1.38
C THR B 46 11.68 3.31 1.71
N SER B 47 11.17 3.74 2.86
CA SER B 47 11.15 5.16 3.28
C SER B 47 12.34 5.47 4.21
N GLY B 48 12.78 6.71 4.21
CA GLY B 48 13.75 7.21 5.19
C GLY B 48 13.11 7.68 6.48
N TYR B 49 11.79 7.68 6.58
CA TYR B 49 11.06 8.36 7.69
C TYR B 49 11.54 7.92 9.07
N GLU B 50 11.80 6.62 9.26
CA GLU B 50 12.08 6.04 10.59
C GLU B 50 13.58 5.76 10.80
N ILE B 51 14.47 6.18 9.90
CA ILE B 51 15.90 5.80 9.99
C ILE B 51 16.38 6.07 11.42
N GLY B 52 17.01 5.06 12.02
CA GLY B 52 17.63 5.22 13.35
C GLY B 52 16.71 4.73 14.46
N ASN B 53 15.43 4.45 14.18
CA ASN B 53 14.47 4.09 15.23
C ASN B 53 14.39 2.58 15.41
N PRO B 54 14.15 2.11 16.66
CA PRO B 54 13.96 0.69 16.92
C PRO B 54 12.57 0.22 16.50
N PRO B 55 12.30 -1.09 16.52
CA PRO B 55 10.97 -1.61 16.24
C PRO B 55 9.92 -1.04 17.21
N ASP B 56 8.71 -0.88 16.65
CA ASP B 56 7.42 -0.56 17.31
C ASP B 56 7.33 -1.31 18.64
N TYR B 57 6.85 -0.71 19.73
CA TYR B 57 6.53 -1.38 21.04
CA TYR B 57 6.70 -1.48 20.98
C TYR B 57 5.74 -2.67 20.77
N ARG B 58 4.75 -2.57 19.90
CA ARG B 58 3.84 -3.71 19.64
C ARG B 58 4.63 -4.85 18.98
N GLY B 59 5.53 -4.52 18.05
CA GLY B 59 6.38 -5.51 17.39
C GLY B 59 7.35 -6.13 18.38
N GLN B 60 8.01 -5.31 19.20
CA GLN B 60 8.93 -5.82 20.24
C GLN B 60 8.16 -6.77 21.17
N SER B 61 6.96 -6.39 21.59
CA SER B 61 6.13 -7.20 22.52
CA SER B 61 6.16 -7.21 22.53
C SER B 61 5.82 -8.56 21.87
N CYS B 62 5.43 -8.53 20.60
CA CYS B 62 5.09 -9.77 19.87
C CYS B 62 6.30 -10.69 19.83
N MET B 63 7.46 -10.13 19.49
CA MET B 63 8.68 -10.95 19.36
C MET B 63 9.11 -11.48 20.73
N LYS B 64 8.98 -10.69 21.80
CA LYS B 64 9.29 -11.18 23.16
C LYS B 64 8.39 -12.39 23.45
N ARG B 65 7.09 -12.29 23.21
CA ARG B 65 6.14 -13.40 23.52
C ARG B 65 6.57 -14.69 22.81
N HIS B 66 7.14 -14.57 21.61
CA HIS B 66 7.51 -15.75 20.78
C HIS B 66 8.98 -16.13 21.02
N GLY B 67 9.69 -15.42 21.88
N GLY B 67 9.63 -15.44 21.96
CA GLY B 67 11.09 -15.76 22.19
CA GLY B 67 11.01 -15.75 22.38
C GLY B 67 12.06 -15.41 21.08
C GLY B 67 11.98 -15.69 21.23
N ILE B 68 11.78 -14.35 20.31
N ILE B 68 11.75 -14.82 20.24
CA ILE B 68 12.69 -13.89 19.21
CA ILE B 68 12.74 -14.53 19.18
C ILE B 68 13.05 -12.41 19.36
C ILE B 68 13.39 -13.19 19.42
N PRO B 69 13.50 -11.95 20.55
N PRO B 69 14.74 -13.20 19.52
CA PRO B 69 13.75 -10.53 20.74
CA PRO B 69 15.52 -11.98 19.64
C PRO B 69 14.74 -10.03 19.68
C PRO B 69 15.28 -11.01 18.49
N MET B 70 14.32 -8.92 19.06
N MET B 70 15.32 -9.72 18.82
CA MET B 70 14.91 -8.24 17.88
CA MET B 70 15.21 -8.56 17.88
C MET B 70 15.83 -7.17 18.45
C MET B 70 16.03 -7.40 18.45
N SER B 71 17.03 -7.03 17.90
N SER B 71 17.02 -6.89 17.69
CA SER B 71 17.91 -5.85 18.09
CA SER B 71 17.94 -5.80 18.15
C SER B 71 18.10 -5.21 16.73
C SER B 71 18.31 -4.89 16.98
N HIS B 72 17.33 -4.18 16.43
CA HIS B 72 17.38 -3.53 15.10
C HIS B 72 17.26 -2.00 15.20
N VAL B 73 17.90 -1.33 14.25
CA VAL B 73 17.74 0.12 13.97
C VAL B 73 17.24 0.25 12.53
N ALA B 74 16.17 1.01 12.32
CA ALA B 74 15.62 1.16 10.96
C ALA B 74 16.69 1.74 10.02
N ARG B 75 16.77 1.18 8.82
CA ARG B 75 17.65 1.71 7.76
CA ARG B 75 17.69 1.60 7.73
C ARG B 75 16.89 1.62 6.43
N GLN B 76 17.18 2.56 5.56
CA GLN B 76 16.55 2.59 4.22
C GLN B 76 17.38 1.73 3.26
N ILE B 77 16.69 1.00 2.41
CA ILE B 77 17.39 0.20 1.38
C ILE B 77 18.26 1.12 0.52
N THR B 78 19.38 0.58 0.05
CA THR B 78 20.35 1.29 -0.80
C THR B 78 20.53 0.58 -2.14
N LYS B 79 21.17 1.24 -3.09
CA LYS B 79 21.49 0.64 -4.41
C LYS B 79 22.33 -0.62 -4.24
N GLU B 80 23.30 -0.63 -3.31
CA GLU B 80 24.22 -1.78 -3.09
C GLU B 80 23.40 -3.02 -2.74
N ASP B 81 22.28 -2.84 -2.04
CA ASP B 81 21.49 -3.99 -1.55
C ASP B 81 20.95 -4.78 -2.75
N PHE B 82 20.59 -4.13 -3.86
CA PHE B 82 20.13 -4.84 -5.08
C PHE B 82 21.28 -5.66 -5.68
N ALA B 83 22.54 -5.24 -5.49
CA ALA B 83 23.72 -5.93 -6.07
C ALA B 83 24.15 -7.10 -5.17
N THR B 84 23.92 -7.01 -3.86
CA THR B 84 24.55 -7.98 -2.92
C THR B 84 23.55 -9.05 -2.45
N PHE B 85 22.27 -8.74 -2.34
CA PHE B 85 21.29 -9.72 -1.81
C PHE B 85 20.83 -10.65 -2.92
N ASP B 86 20.63 -11.92 -2.56
CA ASP B 86 20.02 -12.93 -3.46
C ASP B 86 18.52 -12.69 -3.59
N TYR B 87 17.87 -12.36 -2.47
CA TYR B 87 16.41 -12.17 -2.44
C TYR B 87 16.09 -10.92 -1.64
N ILE B 88 15.14 -10.14 -2.14
CA ILE B 88 14.51 -9.01 -1.41
C ILE B 88 13.03 -9.32 -1.36
N LEU B 89 12.56 -9.59 -0.16
CA LEU B 89 11.18 -10.10 0.09
C LEU B 89 10.41 -9.03 0.83
N CYS B 90 9.32 -8.57 0.23
CA CYS B 90 8.60 -7.40 0.75
C CYS B 90 7.15 -7.73 1.11
N MET B 91 6.46 -6.79 1.72
CA MET B 91 5.20 -7.13 2.41
C MET B 91 3.96 -6.90 1.55
N ASP B 92 3.90 -5.82 0.79
CA ASP B 92 2.65 -5.48 0.10
C ASP B 92 2.93 -4.89 -1.30
N GLU B 93 1.86 -4.63 -2.04
CA GLU B 93 1.97 -4.23 -3.46
C GLU B 93 2.70 -2.88 -3.58
N SER B 94 2.48 -1.98 -2.64
CA SER B 94 3.14 -0.64 -2.64
CA SER B 94 3.14 -0.65 -2.67
C SER B 94 4.65 -0.85 -2.45
N ASN B 95 5.03 -1.73 -1.53
CA ASN B 95 6.46 -2.01 -1.33
C ASN B 95 7.06 -2.55 -2.63
N LEU B 96 6.37 -3.47 -3.27
CA LEU B 96 6.88 -4.13 -4.49
C LEU B 96 7.08 -3.08 -5.59
N ARG B 97 6.09 -2.20 -5.78
CA ARG B 97 6.17 -1.11 -6.77
C ARG B 97 7.39 -0.23 -6.44
N ASP B 98 7.52 0.17 -5.18
CA ASP B 98 8.63 1.08 -4.76
C ASP B 98 9.98 0.41 -4.99
N LEU B 99 10.10 -0.89 -4.72
CA LEU B 99 11.38 -1.63 -4.89
C LEU B 99 11.70 -1.80 -6.38
N ASN B 100 10.71 -2.15 -7.17
CA ASN B 100 10.92 -2.28 -8.63
C ASN B 100 11.34 -0.91 -9.17
N ARG B 101 10.72 0.19 -8.75
CA ARG B 101 11.06 1.56 -9.25
C ARG B 101 12.50 1.91 -8.84
N LYS B 102 12.91 1.63 -7.61
CA LYS B 102 14.28 1.90 -7.11
CA LYS B 102 14.28 1.94 -7.16
C LYS B 102 15.27 1.07 -7.93
N SER B 103 14.93 -0.17 -8.21
CA SER B 103 15.83 -1.11 -8.93
C SER B 103 16.12 -0.54 -10.33
N ASN B 104 15.24 0.32 -10.86
CA ASN B 104 15.42 0.92 -12.21
C ASN B 104 16.69 1.75 -12.26
N GLN B 105 17.12 2.33 -11.14
CA GLN B 105 18.24 3.29 -11.08
C GLN B 105 19.56 2.55 -10.80
N VAL B 106 19.55 1.23 -10.67
CA VAL B 106 20.78 0.46 -10.33
C VAL B 106 21.27 -0.26 -11.60
N CYS B 109 21.41 -5.55 -10.71
CA CYS B 109 20.39 -6.09 -9.76
C CYS B 109 20.46 -7.62 -9.70
N LYS B 110 21.27 -8.17 -8.78
CA LYS B 110 21.39 -9.63 -8.53
C LYS B 110 20.07 -10.13 -7.92
N ALA B 111 19.48 -9.31 -7.06
CA ALA B 111 18.36 -9.72 -6.21
C ALA B 111 17.11 -10.07 -7.04
N LYS B 112 16.45 -11.16 -6.66
CA LYS B 112 15.05 -11.47 -7.03
C LYS B 112 14.17 -10.70 -6.04
N ILE B 113 13.29 -9.85 -6.54
CA ILE B 113 12.39 -8.99 -5.73
C ILE B 113 11.00 -9.62 -5.79
N GLU B 114 10.47 -10.01 -4.65
CA GLU B 114 9.21 -10.78 -4.58
C GLU B 114 8.44 -10.36 -3.33
N LEU B 115 7.13 -10.60 -3.31
CA LEU B 115 6.34 -10.59 -2.06
C LEU B 115 6.77 -11.78 -1.21
N LEU B 116 7.01 -11.54 0.06
CA LEU B 116 7.23 -12.65 1.04
C LEU B 116 6.04 -13.62 0.99
N GLY B 117 4.84 -13.06 0.87
CA GLY B 117 3.59 -13.85 0.86
C GLY B 117 3.50 -14.80 -0.33
N SER B 118 4.31 -14.60 -1.37
CA SER B 118 4.35 -15.51 -2.54
C SER B 118 4.84 -16.90 -2.10
N TYR B 119 5.45 -17.02 -0.90
CA TYR B 119 5.93 -18.30 -0.33
C TYR B 119 4.91 -18.93 0.61
N ASP B 120 3.83 -18.26 0.94
CA ASP B 120 2.88 -18.80 1.95
C ASP B 120 2.19 -20.03 1.36
N PRO B 121 2.23 -21.20 2.02
CA PRO B 121 1.46 -22.33 1.52
C PRO B 121 -0.06 -22.02 1.48
N GLN B 122 -0.53 -21.12 2.34
CA GLN B 122 -1.96 -20.71 2.42
C GLN B 122 -2.23 -19.55 1.45
N LYS B 123 -1.22 -19.04 0.75
CA LYS B 123 -1.40 -18.00 -0.30
C LYS B 123 -2.14 -16.77 0.26
N GLN B 124 -1.77 -16.33 1.47
CA GLN B 124 -2.20 -15.03 2.04
CA GLN B 124 -2.20 -15.04 2.05
C GLN B 124 -1.16 -14.02 1.56
N LEU B 125 -1.33 -13.53 0.35
CA LEU B 125 -0.23 -12.88 -0.41
C LEU B 125 0.28 -11.61 0.27
N ILE B 126 -0.60 -10.84 0.86
CA ILE B 126 -0.25 -9.50 1.40
C ILE B 126 -0.09 -9.56 2.91
N ILE B 127 1.04 -9.03 3.39
CA ILE B 127 1.28 -8.87 4.85
C ILE B 127 0.95 -7.40 5.13
N GLU B 128 -0.22 -7.17 5.68
CA GLU B 128 -0.79 -5.81 5.77
C GLU B 128 -0.07 -4.97 6.83
N ASP B 129 0.04 -3.69 6.55
CA ASP B 129 0.73 -2.73 7.44
C ASP B 129 -0.07 -2.63 8.72
N PRO B 130 0.53 -3.00 9.89
CA PRO B 130 -0.19 -2.98 11.17
C PRO B 130 -0.02 -1.66 11.97
N TYR B 131 0.44 -0.60 11.31
CA TYR B 131 0.74 0.68 11.99
C TYR B 131 -0.42 1.14 12.89
N TYR B 132 -1.66 1.05 12.41
CA TYR B 132 -2.87 1.46 13.17
C TYR B 132 -3.53 0.28 13.89
N GLY B 133 -2.90 -0.90 13.89
CA GLY B 133 -3.57 -2.14 14.30
C GLY B 133 -3.37 -2.50 15.77
N ASN B 134 -3.99 -3.61 16.12
CA ASN B 134 -3.97 -4.12 17.51
C ASN B 134 -2.97 -5.28 17.62
N ASP B 135 -2.85 -5.82 18.82
CA ASP B 135 -1.89 -6.93 19.08
C ASP B 135 -2.26 -8.12 18.16
N SER B 136 -3.53 -8.38 17.93
CA SER B 136 -3.97 -9.49 17.06
CA SER B 136 -3.98 -9.48 17.05
CA SER B 136 -3.94 -9.51 17.07
C SER B 136 -3.41 -9.29 15.65
N ASP B 137 -3.40 -8.05 15.18
CA ASP B 137 -2.89 -7.72 13.82
C ASP B 137 -1.38 -8.02 13.76
N PHE B 138 -0.62 -7.69 14.80
CA PHE B 138 0.82 -8.03 14.86
C PHE B 138 0.99 -9.55 14.92
N GLU B 139 0.12 -10.25 15.66
CA GLU B 139 0.20 -11.72 15.71
C GLU B 139 -0.03 -12.31 14.31
N THR B 140 -1.00 -11.79 13.56
CA THR B 140 -1.25 -12.27 12.19
C THR B 140 -0.01 -12.05 11.34
N VAL B 141 0.60 -10.87 11.43
CA VAL B 141 1.88 -10.61 10.70
C VAL B 141 2.91 -11.67 11.08
N TYR B 142 3.09 -11.89 12.38
CA TYR B 142 4.06 -12.89 12.86
C TYR B 142 3.76 -14.25 12.23
N GLN B 143 2.52 -14.71 12.28
CA GLN B 143 2.20 -16.06 11.78
C GLN B 143 2.43 -16.13 10.26
N GLN B 144 2.08 -15.08 9.53
CA GLN B 144 2.40 -15.04 8.07
C GLN B 144 3.91 -15.17 7.89
N CYS B 145 4.69 -14.43 8.67
CA CYS B 145 6.17 -14.48 8.55
C CYS B 145 6.68 -15.90 8.82
N VAL B 146 6.15 -16.58 9.83
CA VAL B 146 6.59 -17.97 10.14
C VAL B 146 6.32 -18.85 8.91
N ARG B 147 5.10 -18.82 8.37
CA ARG B 147 4.75 -19.72 7.25
C ARG B 147 5.62 -19.40 6.05
N CYS B 148 5.77 -18.12 5.72
CA CYS B 148 6.48 -17.72 4.48
C CYS B 148 7.98 -17.99 4.65
N CYS B 149 8.56 -17.63 5.79
CA CYS B 149 10.01 -17.82 6.01
C CYS B 149 10.34 -19.32 5.99
N ARG B 150 9.52 -20.17 6.60
CA ARG B 150 9.80 -21.63 6.58
C ARG B 150 9.82 -22.12 5.13
N ALA B 151 8.83 -21.73 4.33
CA ALA B 151 8.71 -22.19 2.93
C ALA B 151 9.89 -21.64 2.10
N PHE B 152 10.24 -20.37 2.29
CA PHE B 152 11.36 -19.75 1.55
C PHE B 152 12.66 -20.50 1.87
N LEU B 153 12.89 -20.80 3.14
CA LEU B 153 14.14 -21.49 3.55
C LEU B 153 14.14 -22.90 2.93
N GLU B 154 12.99 -23.57 2.89
CA GLU B 154 12.90 -24.93 2.33
C GLU B 154 13.26 -24.91 0.84
N LYS B 155 12.77 -23.94 0.09
CA LYS B 155 12.91 -23.90 -1.39
C LYS B 155 12.58 -22.49 -1.89
N ALA B 156 13.60 -21.79 -2.38
CA ALA B 156 13.48 -20.44 -2.99
C ALA B 156 12.93 -20.59 -4.41
N HIS B 157 12.29 -19.52 -4.91
CA HIS B 157 11.75 -19.44 -6.29
C HIS B 157 12.89 -19.15 -7.28
#